data_2UUR
#
_entry.id   2UUR
#
_cell.length_a   81.888
_cell.length_b   81.888
_cell.length_c   71.429
_cell.angle_alpha   90.00
_cell.angle_beta   90.00
_cell.angle_gamma   90.00
#
_symmetry.space_group_name_H-M   'I 4'
#
loop_
_entity.id
_entity.type
_entity.pdbx_description
1 polymer 'COLLAGEN ALPHA-1(IX) CHAIN'
2 non-polymer 'ZINC ION'
3 non-polymer 'SULFATE ION'
4 non-polymer 1,2-ETHANEDIOL
5 water water
#
_entity_poly.entity_id   1
_entity_poly.type   'polypeptide(L)'
_entity_poly.pdbx_seq_one_letter_code
;AVKRRPRFPVNSNSNGGNELCPKIRIGQDDLPGFDLISQFQVDKAASRRAIQRVVGSATLQVAYKLGNNVDFRIPTRNLY
PSGLPEEYSFLTTFRMTGSTLKKNWNIWQIQDSSGKEQVGIKINGQTQSVVFSYKGLDGSLQTAAFSNLSSLFDSQWHKI
MIGVERSSATLFVDCNRIESLPIKPRGPIDIDGFAVLGKLADNPQVSVPFELQWMLIHCDPLRPRRETCHELPARITPSQ
TTDER
;
_entity_poly.pdbx_strand_id   A
#
# COMPACT_ATOMS: atom_id res chain seq x y z
N GLU A 19 0.92 16.20 -12.55
CA GLU A 19 0.49 15.35 -13.70
C GLU A 19 -0.48 14.28 -13.26
N LEU A 20 -0.05 13.42 -12.33
CA LEU A 20 -0.90 12.36 -11.83
C LEU A 20 -2.16 12.96 -11.20
N CYS A 21 -2.00 14.08 -10.51
CA CYS A 21 -3.11 14.76 -9.84
C CYS A 21 -3.17 16.25 -10.15
N PRO A 22 -4.00 16.65 -11.12
CA PRO A 22 -4.12 18.07 -11.46
C PRO A 22 -5.12 18.79 -10.55
N LYS A 23 -4.92 20.09 -10.35
CA LYS A 23 -5.81 20.87 -9.52
C LYS A 23 -7.19 20.97 -10.18
N ILE A 24 -8.23 21.19 -9.39
CA ILE A 24 -9.58 21.30 -9.92
C ILE A 24 -10.13 22.71 -9.72
N ASP A 30 -14.81 15.48 -8.91
CA ASP A 30 -13.83 15.66 -7.86
C ASP A 30 -12.49 15.05 -8.24
N LEU A 31 -11.52 15.10 -7.32
CA LEU A 31 -10.19 14.56 -7.56
C LEU A 31 -10.25 13.10 -7.99
N PRO A 32 -9.37 12.70 -8.92
CA PRO A 32 -9.35 11.32 -9.41
C PRO A 32 -8.72 10.31 -8.45
N GLY A 33 -8.93 9.03 -8.74
CA GLY A 33 -8.38 7.96 -7.94
C GLY A 33 -7.94 6.88 -8.90
N PHE A 34 -7.05 5.99 -8.44
CA PHE A 34 -6.57 4.92 -9.28
C PHE A 34 -6.74 3.57 -8.61
N ASP A 35 -7.39 2.66 -9.33
CA ASP A 35 -7.65 1.30 -8.86
C ASP A 35 -6.43 0.44 -9.15
N LEU A 36 -5.65 0.14 -8.11
N LEU A 36 -5.66 0.13 -8.09
CA LEU A 36 -4.45 -0.68 -8.30
CA LEU A 36 -4.45 -0.67 -8.24
C LEU A 36 -4.73 -2.15 -8.59
C LEU A 36 -4.72 -2.14 -8.57
N ILE A 37 -5.88 -2.65 -8.15
CA ILE A 37 -6.21 -4.04 -8.44
C ILE A 37 -6.36 -4.12 -9.96
N SER A 38 -6.95 -3.07 -10.53
CA SER A 38 -7.13 -2.97 -11.97
C SER A 38 -5.80 -2.73 -12.71
N GLN A 39 -5.03 -1.74 -12.27
CA GLN A 39 -3.75 -1.42 -12.90
C GLN A 39 -2.77 -2.60 -12.91
N PHE A 40 -2.68 -3.32 -11.80
CA PHE A 40 -1.79 -4.47 -11.73
C PHE A 40 -2.40 -5.71 -12.39
N GLN A 41 -3.61 -5.56 -12.89
CA GLN A 41 -4.32 -6.65 -13.56
C GLN A 41 -4.44 -7.90 -12.68
N VAL A 42 -4.76 -7.68 -11.42
CA VAL A 42 -4.93 -8.77 -10.47
C VAL A 42 -6.19 -9.54 -10.85
N ASP A 43 -7.24 -8.81 -11.20
CA ASP A 43 -8.50 -9.43 -11.60
C ASP A 43 -8.32 -10.27 -12.84
N LYS A 44 -7.52 -9.78 -13.78
CA LYS A 44 -7.25 -10.50 -15.02
C LYS A 44 -6.54 -11.80 -14.72
N ALA A 45 -5.54 -11.74 -13.85
CA ALA A 45 -4.76 -12.91 -13.46
C ALA A 45 -5.64 -13.97 -12.81
N ALA A 46 -6.71 -13.53 -12.16
CA ALA A 46 -7.63 -14.44 -11.50
C ALA A 46 -8.58 -15.01 -12.55
N SER A 47 -8.89 -14.20 -13.55
CA SER A 47 -9.78 -14.61 -14.63
C SER A 47 -9.00 -15.45 -15.64
N ARG A 48 -7.71 -15.61 -15.40
CA ARG A 48 -6.85 -16.41 -16.26
C ARG A 48 -6.32 -17.62 -15.49
N ARG A 49 -6.88 -17.82 -14.30
CA ARG A 49 -6.50 -18.94 -13.43
C ARG A 49 -5.09 -18.84 -12.87
N ALA A 50 -4.50 -17.65 -12.93
CA ALA A 50 -3.15 -17.44 -12.40
C ALA A 50 -3.15 -17.44 -10.88
N ILE A 51 -4.18 -16.82 -10.30
CA ILE A 51 -4.32 -16.77 -8.84
C ILE A 51 -5.75 -17.16 -8.50
N GLN A 52 -5.99 -17.50 -7.24
CA GLN A 52 -7.31 -17.92 -6.79
C GLN A 52 -8.14 -16.76 -6.25
N ARG A 53 -9.44 -16.77 -6.56
CA ARG A 53 -10.36 -15.77 -6.06
C ARG A 53 -11.08 -16.44 -4.90
N VAL A 54 -11.36 -15.70 -3.83
CA VAL A 54 -12.06 -16.26 -2.67
C VAL A 54 -13.04 -15.24 -2.13
N VAL A 55 -13.93 -15.67 -1.24
CA VAL A 55 -14.87 -14.75 -0.64
C VAL A 55 -14.05 -13.82 0.25
N GLY A 56 -14.39 -12.53 0.21
CA GLY A 56 -13.68 -11.54 1.01
C GLY A 56 -14.20 -11.30 2.40
N SER A 57 -14.12 -10.04 2.83
CA SER A 57 -14.55 -9.63 4.17
C SER A 57 -16.04 -9.77 4.42
N ALA A 58 -16.82 -9.88 3.34
CA ALA A 58 -18.26 -10.02 3.43
C ALA A 58 -18.70 -10.99 2.33
N THR A 59 -19.83 -11.63 2.56
CA THR A 59 -20.39 -12.62 1.63
C THR A 59 -20.37 -12.27 0.14
N LEU A 60 -20.71 -11.03 -0.22
CA LEU A 60 -20.75 -10.65 -1.62
C LEU A 60 -19.43 -10.06 -2.16
N GLN A 61 -18.44 -9.96 -1.29
CA GLN A 61 -17.13 -9.40 -1.65
C GLN A 61 -16.14 -10.43 -2.19
N VAL A 62 -15.44 -10.09 -3.26
CA VAL A 62 -14.45 -11.00 -3.82
C VAL A 62 -13.05 -10.52 -3.42
N ALA A 63 -12.20 -11.47 -3.07
CA ALA A 63 -10.83 -11.16 -2.68
C ALA A 63 -9.90 -12.03 -3.52
N TYR A 64 -8.65 -11.61 -3.66
CA TYR A 64 -7.70 -12.37 -4.44
C TYR A 64 -6.57 -12.89 -3.58
N LYS A 65 -6.25 -14.19 -3.68
CA LYS A 65 -5.15 -14.69 -2.83
C LYS A 65 -3.79 -14.44 -3.40
N LEU A 66 -2.92 -13.77 -2.67
CA LEU A 66 -1.65 -13.54 -3.28
C LEU A 66 -0.47 -14.15 -2.63
N GLY A 67 0.66 -13.71 -3.18
CA GLY A 67 1.93 -14.25 -2.85
C GLY A 67 2.10 -15.47 -3.75
N ASN A 68 2.66 -16.53 -3.24
CA ASN A 68 2.74 -17.74 -4.05
C ASN A 68 3.51 -17.57 -5.32
N ASN A 69 4.34 -16.60 -5.45
CA ASN A 69 5.10 -16.67 -6.67
C ASN A 69 4.34 -16.33 -7.98
N VAL A 70 3.69 -15.15 -7.89
CA VAL A 70 3.06 -14.39 -8.97
C VAL A 70 3.72 -13.07 -8.76
N ASP A 71 4.11 -12.52 -9.84
CA ASP A 71 4.78 -11.30 -9.77
C ASP A 71 3.96 -10.15 -10.26
N PHE A 72 3.51 -9.33 -9.34
CA PHE A 72 2.74 -8.16 -9.72
C PHE A 72 3.64 -6.93 -9.66
N ARG A 73 4.09 -6.50 -10.83
CA ARG A 73 4.97 -5.33 -10.91
C ARG A 73 4.73 -4.57 -12.20
N ILE A 74 4.89 -3.25 -12.12
CA ILE A 74 4.70 -2.38 -13.27
C ILE A 74 5.86 -1.41 -13.34
N PRO A 75 6.42 -1.20 -14.54
CA PRO A 75 7.54 -0.25 -14.63
C PRO A 75 7.09 1.09 -14.05
N THR A 76 7.88 1.63 -13.13
CA THR A 76 7.53 2.89 -12.49
C THR A 76 7.28 3.99 -13.52
N ARG A 77 8.10 4.00 -14.57
N ARG A 77 8.11 4.02 -14.56
CA ARG A 77 8.00 5.00 -15.62
CA ARG A 77 7.96 5.04 -15.60
C ARG A 77 6.64 4.95 -16.34
C ARG A 77 6.61 4.97 -16.32
N ASN A 78 5.98 3.80 -16.31
CA ASN A 78 4.68 3.64 -16.96
C ASN A 78 3.54 4.25 -16.15
N LEU A 79 3.76 4.48 -14.86
CA LEU A 79 2.73 5.05 -13.99
C LEU A 79 3.07 6.42 -13.40
N TYR A 80 4.31 6.57 -12.95
CA TYR A 80 4.72 7.83 -12.33
C TYR A 80 6.00 8.39 -12.95
N PRO A 81 5.93 8.82 -14.22
CA PRO A 81 7.09 9.38 -14.90
C PRO A 81 7.69 10.57 -14.17
N SER A 82 6.87 11.26 -13.38
CA SER A 82 7.32 12.41 -12.60
C SER A 82 7.20 12.15 -11.11
N GLY A 83 7.16 10.88 -10.73
CA GLY A 83 7.05 10.51 -9.34
C GLY A 83 5.64 10.73 -8.80
N LEU A 84 5.49 10.65 -7.49
CA LEU A 84 4.20 10.83 -6.84
C LEU A 84 3.95 12.29 -6.47
N PRO A 85 2.68 12.69 -6.38
CA PRO A 85 2.38 14.08 -6.02
C PRO A 85 2.73 14.33 -4.57
N GLU A 86 2.76 15.60 -4.19
CA GLU A 86 3.08 15.97 -2.81
C GLU A 86 2.06 15.36 -1.85
N GLU A 87 0.80 15.40 -2.23
CA GLU A 87 -0.28 14.87 -1.39
C GLU A 87 -1.11 13.84 -2.13
N TYR A 88 -1.54 12.83 -1.39
CA TYR A 88 -2.36 11.75 -1.93
C TYR A 88 -2.70 10.84 -0.78
N SER A 89 -3.52 9.82 -1.05
CA SER A 89 -3.84 8.86 -0.01
C SER A 89 -3.75 7.47 -0.60
N PHE A 90 -3.39 6.51 0.23
CA PHE A 90 -3.27 5.11 -0.17
C PHE A 90 -4.26 4.37 0.72
N LEU A 91 -5.14 3.58 0.10
CA LEU A 91 -6.15 2.84 0.83
C LEU A 91 -6.19 1.38 0.38
N THR A 92 -6.28 0.46 1.34
CA THR A 92 -6.30 -0.95 0.97
C THR A 92 -6.98 -1.82 2.03
N THR A 93 -7.67 -2.86 1.56
CA THR A 93 -8.34 -3.81 2.43
C THR A 93 -7.66 -5.15 2.12
N PHE A 94 -7.08 -5.77 3.15
CA PHE A 94 -6.37 -7.02 2.95
C PHE A 94 -6.45 -7.92 4.17
N ARG A 95 -5.98 -9.14 4.02
CA ARG A 95 -5.98 -10.09 5.12
C ARG A 95 -4.70 -10.90 5.07
N MET A 96 -4.10 -11.14 6.24
CA MET A 96 -2.89 -11.94 6.34
C MET A 96 -3.11 -12.90 7.49
N THR A 97 -2.37 -13.99 7.51
CA THR A 97 -2.52 -14.96 8.58
C THR A 97 -1.27 -15.81 8.76
N GLY A 98 -1.28 -16.67 9.78
CA GLY A 98 -0.15 -17.54 10.03
C GLY A 98 1.21 -16.87 10.05
N SER A 99 2.18 -17.51 9.39
CA SER A 99 3.56 -17.00 9.36
C SER A 99 3.71 -15.59 8.81
N THR A 100 2.77 -15.17 7.97
CA THR A 100 2.84 -13.83 7.39
C THR A 100 2.78 -12.74 8.47
N LEU A 101 2.07 -13.03 9.55
CA LEU A 101 1.88 -12.10 10.65
C LEU A 101 3.18 -11.65 11.32
N LYS A 102 4.22 -12.46 11.22
CA LYS A 102 5.51 -12.13 11.84
C LYS A 102 6.52 -11.56 10.85
N LYS A 103 6.13 -11.49 9.58
CA LYS A 103 7.05 -10.97 8.56
C LYS A 103 6.93 -9.47 8.37
N ASN A 104 7.98 -8.87 7.82
CA ASN A 104 8.00 -7.45 7.52
C ASN A 104 7.95 -7.44 6.00
N TRP A 105 6.85 -6.93 5.46
CA TRP A 105 6.68 -6.91 4.02
C TRP A 105 5.99 -5.64 3.55
N ASN A 106 6.27 -5.26 2.30
CA ASN A 106 5.66 -4.07 1.73
C ASN A 106 4.42 -4.48 0.95
N ILE A 107 3.26 -4.01 1.37
CA ILE A 107 2.03 -4.37 0.66
C ILE A 107 2.07 -3.69 -0.71
N TRP A 108 2.67 -2.51 -0.76
CA TRP A 108 2.84 -1.72 -1.99
C TRP A 108 4.10 -0.88 -1.83
N GLN A 109 4.83 -0.68 -2.92
CA GLN A 109 6.04 0.11 -2.87
C GLN A 109 6.54 0.43 -4.28
N ILE A 110 7.44 1.39 -4.35
CA ILE A 110 8.09 1.77 -5.60
C ILE A 110 9.55 1.51 -5.24
N GLN A 111 10.23 0.68 -6.03
CA GLN A 111 11.63 0.37 -5.78
C GLN A 111 12.43 0.75 -7.03
N ASP A 112 13.73 1.02 -6.87
CA ASP A 112 14.54 1.35 -8.02
C ASP A 112 14.93 0.06 -8.74
N SER A 113 15.77 0.17 -9.76
CA SER A 113 16.17 -0.99 -10.54
C SER A 113 16.84 -2.10 -9.74
N SER A 114 17.47 -1.74 -8.62
CA SER A 114 18.16 -2.71 -7.79
C SER A 114 17.27 -3.29 -6.68
N GLY A 115 16.09 -2.72 -6.52
CA GLY A 115 15.17 -3.20 -5.50
C GLY A 115 15.11 -2.34 -4.24
N LYS A 116 15.81 -1.20 -4.26
CA LYS A 116 15.82 -0.31 -3.10
C LYS A 116 14.55 0.53 -3.06
N GLU A 117 13.92 0.55 -1.90
CA GLU A 117 12.67 1.29 -1.72
C GLU A 117 12.79 2.80 -1.92
N GLN A 118 11.84 3.38 -2.65
CA GLN A 118 11.79 4.82 -2.89
C GLN A 118 10.65 5.38 -2.05
N VAL A 119 9.49 4.73 -2.13
CA VAL A 119 8.30 5.09 -1.36
C VAL A 119 7.61 3.77 -1.09
N GLY A 120 6.96 3.63 0.06
CA GLY A 120 6.29 2.37 0.33
C GLY A 120 5.52 2.28 1.62
N ILE A 121 4.64 1.29 1.68
CA ILE A 121 3.84 1.05 2.87
C ILE A 121 4.16 -0.35 3.34
N LYS A 122 4.81 -0.41 4.48
CA LYS A 122 5.26 -1.66 5.04
C LYS A 122 4.50 -2.16 6.25
N ILE A 123 4.12 -3.43 6.20
N ILE A 123 4.12 -3.43 6.19
CA ILE A 123 3.41 -4.06 7.30
CA ILE A 123 3.42 -4.09 7.27
C ILE A 123 4.52 -4.76 8.08
C ILE A 123 4.56 -4.75 8.06
N ASN A 124 4.95 -4.12 9.15
CA ASN A 124 6.04 -4.61 9.98
C ASN A 124 5.59 -5.54 11.11
N GLY A 125 5.44 -6.82 10.79
CA GLY A 125 4.99 -7.79 11.77
C GLY A 125 5.93 -7.96 12.94
N GLN A 126 7.23 -7.78 12.72
CA GLN A 126 8.21 -7.93 13.78
C GLN A 126 7.95 -6.97 14.94
N THR A 127 7.37 -5.82 14.65
CA THR A 127 7.08 -4.82 15.67
C THR A 127 5.60 -4.44 15.67
N GLN A 128 4.80 -5.24 14.98
CA GLN A 128 3.36 -5.00 14.86
C GLN A 128 3.06 -3.52 14.59
N SER A 129 3.70 -2.99 13.57
N SER A 129 3.71 -2.99 13.57
CA SER A 129 3.50 -1.59 13.20
CA SER A 129 3.55 -1.58 13.18
C SER A 129 3.36 -1.46 11.68
C SER A 129 3.37 -1.46 11.67
N VAL A 130 3.00 -0.27 11.23
CA VAL A 130 2.85 0.02 9.81
C VAL A 130 3.83 1.15 9.56
N VAL A 131 4.64 1.03 8.52
CA VAL A 131 5.62 2.06 8.25
C VAL A 131 5.51 2.67 6.86
N PHE A 132 5.46 3.99 6.81
CA PHE A 132 5.42 4.71 5.54
C PHE A 132 6.83 5.24 5.33
N SER A 133 7.47 4.82 4.24
CA SER A 133 8.82 5.26 3.93
C SER A 133 8.81 6.11 2.68
N TYR A 134 9.70 7.08 2.62
CA TYR A 134 9.76 7.99 1.48
C TYR A 134 11.14 8.65 1.36
N LYS A 135 11.52 9.01 0.14
CA LYS A 135 12.80 9.67 -0.08
C LYS A 135 12.74 11.13 0.35
N GLY A 136 13.72 11.56 1.14
CA GLY A 136 13.77 12.94 1.58
C GLY A 136 14.53 13.75 0.55
N LEU A 137 14.60 15.07 0.75
CA LEU A 137 15.28 15.95 -0.18
C LEU A 137 16.72 15.54 -0.47
N ASP A 138 17.40 14.97 0.51
CA ASP A 138 18.80 14.57 0.34
C ASP A 138 18.99 13.16 -0.20
N GLY A 139 17.89 12.51 -0.57
CA GLY A 139 17.98 11.16 -1.12
C GLY A 139 17.94 10.03 -0.10
N SER A 140 17.97 10.37 1.19
CA SER A 140 17.92 9.35 2.23
C SER A 140 16.49 8.85 2.36
N LEU A 141 16.33 7.62 2.85
CA LEU A 141 15.00 7.05 3.01
C LEU A 141 14.46 7.37 4.40
N GLN A 142 13.47 8.26 4.45
CA GLN A 142 12.87 8.66 5.72
C GLN A 142 11.68 7.76 6.04
N THR A 143 11.30 7.71 7.30
CA THR A 143 10.19 6.87 7.71
C THR A 143 9.25 7.51 8.72
N ALA A 144 8.00 7.07 8.67
CA ALA A 144 6.96 7.51 9.60
C ALA A 144 6.44 6.16 10.10
N ALA A 145 6.84 5.80 11.31
CA ALA A 145 6.44 4.51 11.89
C ALA A 145 5.28 4.59 12.88
N PHE A 146 4.17 3.97 12.50
CA PHE A 146 2.98 3.94 13.35
C PHE A 146 3.04 2.63 14.12
N SER A 147 3.32 2.70 15.41
CA SER A 147 3.42 1.49 16.21
C SER A 147 2.16 1.15 17.00
N ASN A 148 2.28 0.14 17.86
CA ASN A 148 1.17 -0.30 18.70
C ASN A 148 -0.08 -0.65 17.91
N LEU A 149 0.07 -1.51 16.90
CA LEU A 149 -1.07 -1.91 16.06
C LEU A 149 -1.34 -3.42 16.14
N SER A 150 -1.33 -3.96 17.34
CA SER A 150 -1.56 -5.38 17.55
C SER A 150 -2.89 -5.87 16.98
N SER A 151 -3.92 -5.03 17.04
CA SER A 151 -5.24 -5.41 16.54
C SER A 151 -5.25 -5.72 15.04
N LEU A 152 -4.24 -5.24 14.34
CA LEU A 152 -4.14 -5.47 12.89
C LEU A 152 -3.63 -6.88 12.58
N PHE A 153 -3.04 -7.53 13.57
CA PHE A 153 -2.49 -8.87 13.38
C PHE A 153 -3.29 -9.99 14.02
N ASP A 154 -4.59 -10.05 13.73
CA ASP A 154 -5.46 -11.09 14.30
C ASP A 154 -6.05 -12.05 13.26
N SER A 155 -5.51 -12.03 12.05
CA SER A 155 -5.95 -12.89 10.95
C SER A 155 -7.31 -12.53 10.34
N GLN A 156 -7.90 -11.44 10.80
CA GLN A 156 -9.21 -11.01 10.26
C GLN A 156 -9.00 -9.94 9.20
N TRP A 157 -10.04 -9.67 8.43
CA TRP A 157 -9.94 -8.63 7.39
C TRP A 157 -9.79 -7.25 8.01
N HIS A 158 -8.90 -6.44 7.45
CA HIS A 158 -8.69 -5.07 7.93
C HIS A 158 -8.48 -4.10 6.79
N LYS A 159 -8.75 -2.82 7.05
CA LYS A 159 -8.58 -1.78 6.05
C LYS A 159 -7.63 -0.73 6.61
N ILE A 160 -6.53 -0.47 5.90
CA ILE A 160 -5.61 0.54 6.37
C ILE A 160 -5.55 1.63 5.32
N MET A 161 -5.49 2.87 5.77
CA MET A 161 -5.45 4.01 4.88
C MET A 161 -4.44 5.01 5.41
N ILE A 162 -3.67 5.60 4.51
CA ILE A 162 -2.68 6.60 4.90
C ILE A 162 -2.88 7.86 4.09
N GLY A 163 -3.10 8.97 4.79
CA GLY A 163 -3.29 10.24 4.12
C GLY A 163 -1.96 10.98 4.13
N VAL A 164 -1.36 11.14 2.96
CA VAL A 164 -0.08 11.83 2.84
C VAL A 164 -0.29 13.28 2.51
N GLU A 165 -0.10 14.14 3.52
CA GLU A 165 -0.25 15.57 3.34
C GLU A 165 1.10 16.27 3.28
N ARG A 166 1.07 17.58 3.03
N ARG A 166 1.06 17.58 3.00
CA ARG A 166 2.29 18.37 2.92
CA ARG A 166 2.27 18.39 2.87
C ARG A 166 3.35 18.09 3.98
C ARG A 166 3.37 18.09 3.88
N SER A 167 2.97 18.15 5.25
N SER A 167 3.03 18.06 5.16
CA SER A 167 3.94 17.93 6.33
CA SER A 167 4.04 17.81 6.20
C SER A 167 3.51 16.88 7.35
C SER A 167 3.63 16.80 7.27
N SER A 168 2.64 15.96 6.95
CA SER A 168 2.18 14.94 7.88
C SER A 168 1.63 13.74 7.13
N ALA A 169 1.59 12.60 7.83
CA ALA A 169 1.05 11.36 7.27
C ALA A 169 0.12 10.86 8.37
N THR A 170 -1.13 10.57 8.02
CA THR A 170 -2.10 10.10 9.00
C THR A 170 -2.58 8.70 8.70
N LEU A 171 -2.52 7.84 9.71
CA LEU A 171 -2.95 6.44 9.56
C LEU A 171 -4.35 6.20 10.12
N PHE A 172 -5.16 5.50 9.32
CA PHE A 172 -6.51 5.12 9.69
C PHE A 172 -6.55 3.59 9.62
N VAL A 173 -7.19 2.95 10.58
CA VAL A 173 -7.33 1.50 10.57
C VAL A 173 -8.80 1.18 10.80
N ASP A 174 -9.39 0.42 9.88
CA ASP A 174 -10.80 0.06 9.97
C ASP A 174 -11.71 1.26 10.19
N CYS A 175 -11.38 2.34 9.47
CA CYS A 175 -12.13 3.58 9.49
C CYS A 175 -12.06 4.38 10.81
N ASN A 176 -11.00 4.14 11.58
CA ASN A 176 -10.77 4.88 12.83
C ASN A 176 -9.44 5.62 12.65
N ARG A 177 -9.42 6.90 12.96
CA ARG A 177 -8.17 7.66 12.86
C ARG A 177 -7.29 7.16 13.99
N ILE A 178 -6.09 6.71 13.66
CA ILE A 178 -5.19 6.16 14.67
C ILE A 178 -4.13 7.13 15.17
N GLU A 179 -3.40 7.73 14.25
CA GLU A 179 -2.34 8.63 14.63
C GLU A 179 -1.81 9.40 13.42
N SER A 180 -1.26 10.57 13.68
CA SER A 180 -0.69 11.39 12.62
C SER A 180 0.74 11.70 13.02
N LEU A 181 1.67 11.51 12.09
CA LEU A 181 3.07 11.77 12.35
C LEU A 181 3.58 12.81 11.37
N PRO A 182 4.57 13.61 11.78
CA PRO A 182 5.09 14.63 10.87
C PRO A 182 6.01 13.94 9.86
N ILE A 183 6.06 14.48 8.65
CA ILE A 183 6.95 13.95 7.63
C ILE A 183 7.65 15.11 6.95
N LYS A 184 8.89 14.88 6.54
CA LYS A 184 9.71 15.88 5.89
C LYS A 184 9.38 15.99 4.41
N PRO A 185 9.82 17.08 3.76
CA PRO A 185 9.56 17.28 2.33
C PRO A 185 10.07 16.09 1.53
N ARG A 186 9.29 15.67 0.53
CA ARG A 186 9.70 14.54 -0.29
C ARG A 186 10.65 14.96 -1.40
N GLY A 187 11.71 14.19 -1.58
CA GLY A 187 12.67 14.49 -2.62
C GLY A 187 12.34 13.66 -3.84
N PRO A 188 13.07 13.85 -4.95
CA PRO A 188 12.76 13.05 -6.14
C PRO A 188 13.03 11.58 -5.89
N ILE A 189 12.31 10.72 -6.60
CA ILE A 189 12.52 9.30 -6.44
C ILE A 189 13.14 8.79 -7.73
N ASP A 190 13.71 7.60 -7.66
CA ASP A 190 14.32 6.97 -8.82
C ASP A 190 13.21 6.22 -9.52
N ILE A 191 12.98 6.53 -10.79
CA ILE A 191 11.91 5.89 -11.54
C ILE A 191 12.36 4.79 -12.50
N ASP A 192 13.61 4.33 -12.38
CA ASP A 192 14.10 3.28 -13.26
C ASP A 192 13.71 1.88 -12.77
N GLY A 193 12.86 1.82 -11.76
CA GLY A 193 12.46 0.53 -11.22
C GLY A 193 11.02 0.11 -11.46
N PHE A 194 10.37 -0.39 -10.41
CA PHE A 194 8.99 -0.84 -10.53
C PHE A 194 8.15 -0.57 -9.30
N ALA A 195 6.84 -0.55 -9.52
CA ALA A 195 5.85 -0.43 -8.45
C ALA A 195 5.54 -1.91 -8.30
N VAL A 196 5.60 -2.43 -7.08
N VAL A 196 5.59 -2.42 -7.07
CA VAL A 196 5.32 -3.84 -6.86
CA VAL A 196 5.35 -3.84 -6.84
C VAL A 196 4.46 -4.11 -5.64
C VAL A 196 4.47 -4.12 -5.63
N LEU A 197 3.78 -5.25 -5.65
CA LEU A 197 2.91 -5.64 -4.56
C LEU A 197 3.41 -6.80 -3.72
N GLY A 198 3.07 -6.77 -2.43
CA GLY A 198 3.42 -7.83 -1.49
C GLY A 198 4.79 -8.49 -1.50
N LYS A 199 5.84 -7.68 -1.42
CA LYS A 199 7.21 -8.22 -1.43
C LYS A 199 7.84 -8.10 -0.04
N LEU A 200 8.58 -9.14 0.34
CA LEU A 200 9.26 -9.17 1.64
C LEU A 200 10.17 -7.95 1.75
N ALA A 201 10.15 -7.32 2.92
CA ALA A 201 10.94 -6.11 3.16
C ALA A 201 12.42 -6.25 2.81
N ASP A 202 13.04 -7.37 3.16
CA ASP A 202 14.45 -7.52 2.85
C ASP A 202 14.76 -7.98 1.43
N ASN A 203 13.98 -8.95 0.93
CA ASN A 203 14.22 -9.49 -0.39
C ASN A 203 13.15 -9.13 -1.43
N PRO A 204 13.45 -8.18 -2.32
CA PRO A 204 12.48 -7.77 -3.35
C PRO A 204 12.02 -8.85 -4.31
N GLN A 205 12.72 -9.99 -4.31
CA GLN A 205 12.35 -11.11 -5.16
C GLN A 205 11.40 -12.10 -4.52
N VAL A 206 11.14 -11.93 -3.23
CA VAL A 206 10.26 -12.85 -2.52
C VAL A 206 8.89 -12.27 -2.19
N SER A 207 7.85 -12.96 -2.66
CA SER A 207 6.47 -12.55 -2.41
C SER A 207 5.94 -13.18 -1.14
N VAL A 208 5.07 -12.45 -0.45
N VAL A 208 5.07 -12.45 -0.44
CA VAL A 208 4.46 -12.94 0.77
CA VAL A 208 4.48 -12.98 0.78
C VAL A 208 2.99 -13.25 0.49
C VAL A 208 3.01 -13.26 0.48
N PRO A 209 2.47 -14.37 1.01
CA PRO A 209 1.08 -14.71 0.77
C PRO A 209 0.11 -13.86 1.61
N PHE A 210 -0.94 -13.38 0.96
CA PHE A 210 -1.97 -12.58 1.63
C PHE A 210 -3.17 -12.45 0.70
N GLU A 211 -4.29 -11.96 1.23
CA GLU A 211 -5.50 -11.81 0.42
C GLU A 211 -5.76 -10.33 0.21
N LEU A 212 -6.08 -9.95 -1.02
CA LEU A 212 -6.32 -8.56 -1.37
C LEU A 212 -7.73 -8.32 -1.86
N GLN A 213 -8.40 -7.33 -1.28
CA GLN A 213 -9.78 -7.02 -1.66
C GLN A 213 -9.95 -5.63 -2.26
N TRP A 214 -9.07 -4.71 -1.90
CA TRP A 214 -9.19 -3.34 -2.39
C TRP A 214 -7.84 -2.63 -2.28
N MET A 215 -7.50 -1.83 -3.30
CA MET A 215 -6.27 -1.05 -3.24
C MET A 215 -6.45 0.16 -4.13
N LEU A 216 -6.34 1.33 -3.53
CA LEU A 216 -6.55 2.58 -4.24
C LEU A 216 -5.57 3.66 -3.85
N ILE A 217 -5.16 4.46 -4.84
CA ILE A 217 -4.32 5.61 -4.58
C ILE A 217 -5.24 6.73 -5.04
N HIS A 218 -5.55 7.65 -4.14
CA HIS A 218 -6.46 8.73 -4.47
C HIS A 218 -5.76 10.08 -4.36
N CYS A 219 -6.07 10.97 -5.29
CA CYS A 219 -5.46 12.29 -5.32
C CYS A 219 -5.83 13.17 -4.12
N ASP A 220 -6.97 12.86 -3.50
CA ASP A 220 -7.43 13.60 -2.34
C ASP A 220 -6.79 12.99 -1.09
N PRO A 221 -5.87 13.73 -0.44
CA PRO A 221 -5.24 13.18 0.77
C PRO A 221 -6.23 12.96 1.90
N LEU A 222 -7.38 13.62 1.82
CA LEU A 222 -8.39 13.48 2.86
C LEU A 222 -9.43 12.39 2.54
N ARG A 223 -9.23 11.69 1.42
CA ARG A 223 -10.15 10.63 1.00
C ARG A 223 -10.49 9.61 2.09
N PRO A 224 -9.52 9.25 2.94
CA PRO A 224 -9.77 8.28 4.01
C PRO A 224 -10.84 8.72 5.02
N ARG A 225 -11.02 10.03 5.16
CA ARG A 225 -11.99 10.58 6.10
C ARG A 225 -13.45 10.25 5.80
N ARG A 226 -13.79 10.11 4.52
N ARG A 226 -13.79 10.10 4.52
CA ARG A 226 -15.16 9.80 4.13
CA ARG A 226 -15.18 9.80 4.15
C ARG A 226 -15.39 8.33 3.82
C ARG A 226 -15.44 8.32 3.89
N GLU A 227 -14.46 7.48 4.22
CA GLU A 227 -14.59 6.04 4.00
C GLU A 227 -15.35 5.39 5.15
N THR A 228 -16.20 4.40 4.83
CA THR A 228 -16.92 3.68 5.87
C THR A 228 -16.42 2.23 5.81
N CYS A 229 -16.73 1.44 6.83
CA CYS A 229 -16.26 0.06 6.88
C CYS A 229 -17.38 -0.93 7.18
N HIS A 230 -18.51 -0.77 6.49
CA HIS A 230 -19.64 -1.66 6.69
C HIS A 230 -19.31 -3.07 6.22
N GLU A 231 -18.35 -3.19 5.31
CA GLU A 231 -17.98 -4.50 4.77
C GLU A 231 -17.04 -5.30 5.66
N LEU A 232 -16.72 -4.76 6.84
CA LEU A 232 -15.87 -5.49 7.77
C LEU A 232 -16.73 -6.00 8.94
N PRO A 233 -17.55 -7.06 8.70
CA PRO A 233 -18.41 -7.66 9.71
C PRO A 233 -17.58 -8.26 10.85
#